data_1XHC
#
_entry.id   1XHC
#
_cell.length_a   60.335
_cell.length_b   73.737
_cell.length_c   95.849
_cell.angle_alpha   90.00
_cell.angle_beta   90.00
_cell.angle_gamma   90.00
#
_symmetry.space_group_name_H-M   'P 21 21 21'
#
loop_
_entity.id
_entity.type
_entity.pdbx_description
1 polymer 'NADH oxidase /nitrite reductase'
2 non-polymer 'FLAVIN-ADENINE DINUCLEOTIDE'
3 water water
#
_entity_poly.entity_id   1
_entity_poly.type   'polypeptide(L)'
_entity_poly.pdbx_seq_one_letter_code
;AHHHHHHGSKVVIVGNGPGGFELAKQLSQTYEVTVIDKEPVPYYSKPMLSHYIAGFIPRNRLFPYSLDWYRKRGIEIRLA
EEAKLIDRGRKVVITEKGEVPYDTLVLATGARAREPQIKGKEYLLTLRTIFDADRIKESIENSGEAIIIGGGFIGLELAG
NLAEAGYHVKLIHRGAMFLGLDEELSNMIKDMLEETGVKFFLNSELLEANEEGVLTNSGFIEGKVKICAIGIVPNVDLAR
RSGIHTGRGILIDDNFRTSAKDVYAIGDCAEYSGIIAGTAKAAMEQARVLADILKGEPRRYNFKFRSTVFKFGKLQIAII
GNTKGEGKWIEDNTKVFYENGKIIGAVVFNDIRKATKLEKEILDFYS
;
_entity_poly.pdbx_strand_id   A
#
loop_
_chem_comp.id
_chem_comp.type
_chem_comp.name
_chem_comp.formula
FAD non-polymer 'FLAVIN-ADENINE DINUCLEOTIDE' 'C27 H33 N9 O15 P2'
#
# COMPACT_ATOMS: atom_id res chain seq x y z
N SER A 9 -4.67 -19.37 -23.79
CA SER A 9 -4.95 -19.58 -22.32
C SER A 9 -5.57 -18.33 -21.71
N LYS A 10 -6.69 -18.50 -21.03
CA LYS A 10 -7.36 -17.40 -20.33
C LYS A 10 -6.73 -17.20 -18.93
N VAL A 11 -6.14 -16.03 -18.71
CA VAL A 11 -5.68 -15.63 -17.42
C VAL A 11 -6.69 -14.63 -16.84
N VAL A 12 -7.23 -14.97 -15.69
CA VAL A 12 -8.11 -14.10 -14.97
C VAL A 12 -7.39 -13.58 -13.73
N ILE A 13 -7.53 -12.29 -13.51
CA ILE A 13 -6.87 -11.60 -12.41
C ILE A 13 -7.96 -10.85 -11.64
N VAL A 14 -8.08 -11.16 -10.35
CA VAL A 14 -8.99 -10.44 -9.47
C VAL A 14 -8.17 -9.38 -8.73
N GLY A 15 -8.49 -8.10 -9.02
CA GLY A 15 -7.79 -6.95 -8.50
C GLY A 15 -7.02 -6.19 -9.57
N ASN A 16 -7.24 -4.88 -9.62
CA ASN A 16 -6.58 -3.98 -10.56
C ASN A 16 -5.75 -2.88 -9.81
N GLY A 17 -5.20 -3.24 -8.64
CA GLY A 17 -4.19 -2.42 -8.00
C GLY A 17 -2.91 -2.58 -8.80
N PRO A 18 -1.79 -2.04 -8.30
CA PRO A 18 -0.53 -2.14 -9.04
C PRO A 18 -0.04 -3.60 -9.34
N GLY A 19 -0.39 -4.53 -8.49
CA GLY A 19 -0.10 -5.94 -8.67
C GLY A 19 -0.81 -6.46 -9.89
N GLY A 20 -2.14 -6.46 -9.84
CA GLY A 20 -2.96 -6.99 -10.93
C GLY A 20 -2.80 -6.25 -12.23
N PHE A 21 -2.63 -4.95 -12.12
CA PHE A 21 -2.47 -4.09 -13.30
C PHE A 21 -1.16 -4.39 -14.02
N GLU A 22 -0.08 -4.53 -13.25
CA GLU A 22 1.25 -4.84 -13.79
C GLU A 22 1.26 -6.23 -14.41
N LEU A 23 0.69 -7.21 -13.70
CA LEU A 23 0.54 -8.58 -14.21
C LEU A 23 -0.16 -8.60 -15.55
N ALA A 24 -1.25 -7.85 -15.66
CA ALA A 24 -2.05 -7.76 -16.89
C ALA A 24 -1.25 -7.19 -18.07
N LYS A 25 -0.59 -6.06 -17.86
CA LYS A 25 0.32 -5.50 -18.85
C LYS A 25 1.38 -6.50 -19.32
N GLN A 26 1.96 -7.26 -18.38
CA GLN A 26 3.05 -8.20 -18.70
C GLN A 26 2.58 -9.48 -19.39
N LEU A 27 1.29 -9.80 -19.26
CA LEU A 27 0.71 -11.04 -19.83
C LEU A 27 -0.13 -10.85 -21.11
N SER A 28 -0.56 -9.62 -21.37
CA SER A 28 -1.62 -9.34 -22.37
C SER A 28 -1.18 -9.56 -23.80
N GLN A 29 0.12 -9.36 -24.09
CA GLN A 29 0.67 -9.62 -25.42
C GLN A 29 0.85 -11.12 -25.67
N THR A 30 0.61 -11.95 -24.66
CA THR A 30 0.89 -13.41 -24.71
C THR A 30 -0.37 -14.25 -24.49
N TYR A 31 -1.14 -13.93 -23.44
CA TYR A 31 -2.38 -14.65 -23.07
C TYR A 31 -3.62 -13.78 -23.26
N GLU A 32 -4.78 -14.43 -23.14
CA GLU A 32 -6.10 -13.78 -23.15
C GLU A 32 -6.38 -13.38 -21.70
N VAL A 33 -6.23 -12.09 -21.39
CA VAL A 33 -6.27 -11.55 -20.02
C VAL A 33 -7.58 -10.80 -19.65
N THR A 34 -8.22 -11.23 -18.57
CA THR A 34 -9.35 -10.49 -17.97
C THR A 34 -8.98 -10.02 -16.55
N VAL A 35 -9.21 -8.72 -16.27
CA VAL A 35 -9.09 -8.15 -14.94
C VAL A 35 -10.45 -7.85 -14.36
N ILE A 36 -10.65 -8.24 -13.10
CA ILE A 36 -11.92 -8.01 -12.41
C ILE A 36 -11.61 -7.18 -11.19
N ASP A 37 -12.25 -6.01 -11.08
CA ASP A 37 -12.11 -5.18 -9.89
C ASP A 37 -13.45 -4.58 -9.49
N LYS A 38 -13.68 -4.47 -8.18
CA LYS A 38 -14.95 -3.99 -7.67
C LYS A 38 -15.05 -2.47 -7.66
N GLU A 39 -13.92 -1.77 -7.80
CA GLU A 39 -13.95 -0.29 -7.88
C GLU A 39 -14.40 0.13 -9.30
N PRO A 40 -15.21 1.21 -9.38
CA PRO A 40 -15.78 1.62 -10.67
C PRO A 40 -14.82 2.40 -11.61
N VAL A 41 -13.54 2.50 -11.23
CA VAL A 41 -12.54 3.32 -11.92
C VAL A 41 -11.31 2.49 -12.27
N PRO A 42 -10.59 2.88 -13.33
CA PRO A 42 -9.40 2.18 -13.73
C PRO A 42 -8.22 2.40 -12.74
N TYR A 43 -7.08 1.78 -13.04
CA TYR A 43 -5.94 1.86 -12.16
C TYR A 43 -5.52 3.31 -11.84
N TYR A 44 -5.29 3.59 -10.55
CA TYR A 44 -4.74 4.88 -10.10
C TYR A 44 -3.65 4.58 -9.12
N SER A 45 -2.71 5.50 -9.04
CA SER A 45 -1.56 5.41 -8.16
C SER A 45 -1.93 5.78 -6.71
N LYS A 46 -1.82 4.80 -5.80
CA LYS A 46 -2.02 5.02 -4.38
C LYS A 46 -0.90 5.85 -3.72
N PRO A 47 0.37 5.59 -4.03
CA PRO A 47 1.46 6.44 -3.53
C PRO A 47 1.30 7.96 -3.81
N MET A 48 0.52 8.33 -4.83
CA MET A 48 0.30 9.73 -5.16
C MET A 48 -0.96 10.29 -4.49
N LEU A 49 -1.70 9.50 -3.74
CA LEU A 49 -2.97 9.98 -3.13
C LEU A 49 -2.79 11.11 -2.11
N SER A 50 -1.77 11.04 -1.26
CA SER A 50 -1.42 12.15 -0.34
C SER A 50 -1.17 13.46 -1.07
N HIS A 51 -0.51 13.37 -2.24
CA HIS A 51 -0.25 14.54 -3.10
C HIS A 51 -1.53 15.20 -3.59
N TYR A 52 -2.48 14.38 -4.01
CA TYR A 52 -3.84 14.81 -4.36
C TYR A 52 -4.58 15.44 -3.16
N ILE A 53 -4.60 14.73 -2.03
CA ILE A 53 -5.30 15.20 -0.82
C ILE A 53 -4.80 16.58 -0.39
N ALA A 54 -3.48 16.78 -0.43
CA ALA A 54 -2.83 18.04 -0.11
C ALA A 54 -3.00 19.15 -1.15
N GLY A 55 -3.53 18.81 -2.33
CA GLY A 55 -3.85 19.81 -3.35
C GLY A 55 -2.72 20.11 -4.36
N PHE A 56 -1.71 19.25 -4.43
CA PHE A 56 -0.53 19.47 -5.30
C PHE A 56 -0.77 19.03 -6.73
N ILE A 57 -1.67 18.05 -6.91
CA ILE A 57 -2.05 17.57 -8.25
C ILE A 57 -3.57 17.44 -8.36
N PRO A 58 -4.09 17.64 -9.56
CA PRO A 58 -5.50 17.35 -9.82
C PRO A 58 -5.83 15.85 -9.74
N ARG A 59 -7.07 15.55 -9.38
CA ARG A 59 -7.54 14.17 -9.26
C ARG A 59 -7.19 13.30 -10.52
N ASN A 60 -7.31 13.88 -11.72
CA ASN A 60 -7.05 13.16 -12.98
C ASN A 60 -5.60 12.70 -13.17
N ARG A 61 -4.65 13.38 -12.53
CA ARG A 61 -3.23 13.02 -12.65
C ARG A 61 -2.93 11.69 -11.95
N LEU A 62 -3.85 11.22 -11.09
CA LEU A 62 -3.70 9.92 -10.43
C LEU A 62 -3.89 8.76 -11.40
N PHE A 63 -4.57 9.03 -12.52
CA PHE A 63 -4.87 8.02 -13.54
C PHE A 63 -3.88 8.05 -14.74
N PRO A 64 -2.87 7.18 -14.74
CA PRO A 64 -1.85 7.17 -15.81
C PRO A 64 -2.35 6.72 -17.19
N TYR A 65 -3.34 5.82 -17.23
CA TYR A 65 -3.91 5.35 -18.52
C TYR A 65 -5.45 5.39 -18.49
N SER A 66 -6.05 5.76 -19.63
CA SER A 66 -7.50 5.75 -19.78
C SER A 66 -7.99 4.30 -20.04
N LEU A 67 -9.31 4.12 -20.09
CA LEU A 67 -9.88 2.78 -20.35
C LEU A 67 -9.50 2.28 -21.75
N ASP A 68 -9.35 3.21 -22.69
CA ASP A 68 -8.91 2.90 -24.06
C ASP A 68 -7.52 2.27 -24.10
N TRP A 69 -6.69 2.54 -23.11
CA TRP A 69 -5.35 1.94 -23.09
C TRP A 69 -5.39 0.45 -22.73
N TYR A 70 -6.31 0.06 -21.85
CA TYR A 70 -6.59 -1.37 -21.62
C TYR A 70 -7.04 -2.02 -22.92
N ARG A 71 -7.91 -1.30 -23.65
CA ARG A 71 -8.38 -1.73 -24.97
C ARG A 71 -7.19 -1.96 -25.92
N LYS A 72 -6.39 -0.91 -26.14
CA LYS A 72 -5.19 -0.99 -26.98
C LYS A 72 -4.24 -2.17 -26.64
N ARG A 73 -4.20 -2.56 -25.35
CA ARG A 73 -3.33 -3.64 -24.87
C ARG A 73 -3.97 -5.04 -24.97
N GLY A 74 -5.25 -5.11 -25.31
CA GLY A 74 -5.96 -6.40 -25.38
C GLY A 74 -6.38 -6.97 -24.01
N ILE A 75 -6.54 -6.11 -23.02
CA ILE A 75 -6.94 -6.50 -21.67
C ILE A 75 -8.47 -6.27 -21.47
N GLU A 76 -9.24 -7.33 -21.25
CA GLU A 76 -10.63 -7.17 -20.81
C GLU A 76 -10.65 -6.70 -19.34
N ILE A 77 -11.21 -5.51 -19.13
CA ILE A 77 -11.25 -4.87 -17.81
C ILE A 77 -12.71 -4.79 -17.34
N ARG A 78 -13.02 -5.54 -16.29
CA ARG A 78 -14.35 -5.59 -15.72
C ARG A 78 -14.42 -4.89 -14.37
N LEU A 79 -14.85 -3.65 -14.43
CA LEU A 79 -14.93 -2.75 -13.28
C LEU A 79 -16.32 -2.81 -12.61
N ALA A 80 -16.40 -2.20 -11.41
CA ALA A 80 -17.59 -2.27 -10.54
C ALA A 80 -18.17 -3.70 -10.44
N GLU A 81 -17.27 -4.68 -10.32
CA GLU A 81 -17.63 -6.09 -10.31
C GLU A 81 -16.88 -6.87 -9.23
N GLU A 82 -17.61 -7.41 -8.27
CA GLU A 82 -17.03 -8.12 -7.16
C GLU A 82 -17.07 -9.63 -7.41
N ALA A 83 -15.91 -10.28 -7.25
CA ALA A 83 -15.81 -11.71 -7.20
C ALA A 83 -16.27 -12.22 -5.84
N LYS A 84 -17.27 -13.11 -5.89
CA LYS A 84 -17.94 -13.64 -4.70
C LYS A 84 -17.35 -15.00 -4.33
N LEU A 85 -17.05 -15.82 -5.34
CA LEU A 85 -16.58 -17.15 -5.11
C LEU A 85 -15.77 -17.64 -6.28
N ILE A 86 -14.79 -18.50 -5.97
CA ILE A 86 -14.00 -19.18 -6.98
C ILE A 86 -14.50 -20.62 -7.00
N ASP A 87 -15.04 -21.03 -8.14
CA ASP A 87 -15.54 -22.38 -8.36
C ASP A 87 -14.36 -23.10 -8.97
N ARG A 88 -13.61 -23.78 -8.12
CA ARG A 88 -12.39 -24.46 -8.55
C ARG A 88 -12.79 -25.68 -9.34
N GLY A 89 -13.96 -26.23 -8.99
CA GLY A 89 -14.59 -27.27 -9.76
C GLY A 89 -14.67 -26.98 -11.26
N ARG A 90 -15.03 -25.75 -11.63
CA ARG A 90 -15.61 -25.52 -12.93
C ARG A 90 -14.92 -24.86 -14.17
N LYS A 91 -13.74 -24.24 -14.16
CA LYS A 91 -13.09 -23.49 -13.11
C LYS A 91 -13.46 -22.03 -13.49
N VAL A 92 -14.32 -21.42 -12.70
CA VAL A 92 -14.91 -20.15 -13.05
C VAL A 92 -14.86 -19.25 -11.84
N VAL A 93 -14.86 -17.94 -12.06
CA VAL A 93 -15.04 -16.98 -10.99
C VAL A 93 -16.46 -16.47 -11.06
N ILE A 94 -17.15 -16.55 -9.95
CA ILE A 94 -18.53 -16.07 -9.85
C ILE A 94 -18.52 -14.66 -9.34
N THR A 95 -19.05 -13.73 -10.13
CA THR A 95 -19.23 -12.35 -9.66
C THR A 95 -20.72 -12.14 -9.50
N GLU A 96 -21.15 -10.93 -9.17
CA GLU A 96 -22.59 -10.61 -9.19
C GLU A 96 -23.14 -10.39 -10.62
N LYS A 97 -22.29 -10.00 -11.55
CA LYS A 97 -22.71 -9.81 -12.95
C LYS A 97 -22.71 -11.11 -13.75
N GLY A 98 -22.02 -12.13 -13.23
CA GLY A 98 -22.02 -13.43 -13.89
C GLY A 98 -20.84 -14.31 -13.54
N GLU A 99 -20.40 -15.10 -14.51
CA GLU A 99 -19.37 -16.10 -14.31
C GLU A 99 -18.26 -15.91 -15.34
N VAL A 100 -17.01 -16.04 -14.89
CA VAL A 100 -15.82 -15.77 -15.71
C VAL A 100 -14.85 -16.99 -15.66
N PRO A 101 -14.79 -17.72 -16.78
CA PRO A 101 -13.97 -18.90 -16.87
C PRO A 101 -12.47 -18.59 -16.94
N TYR A 102 -11.65 -19.49 -16.37
CA TYR A 102 -10.20 -19.29 -16.36
C TYR A 102 -9.47 -20.60 -16.57
N ASP A 103 -8.32 -20.51 -17.23
CA ASP A 103 -7.34 -21.56 -17.21
C ASP A 103 -6.34 -21.32 -16.08
N THR A 104 -5.91 -20.07 -15.93
CA THR A 104 -5.10 -19.65 -14.79
C THR A 104 -5.79 -18.47 -14.13
N LEU A 105 -5.93 -18.56 -12.81
CA LEU A 105 -6.45 -17.50 -11.97
C LEU A 105 -5.32 -16.93 -11.10
N VAL A 106 -5.15 -15.60 -11.13
CA VAL A 106 -4.26 -14.93 -10.16
C VAL A 106 -5.06 -13.99 -9.25
N LEU A 107 -4.92 -14.21 -7.94
CA LEU A 107 -5.52 -13.35 -6.95
C LEU A 107 -4.57 -12.21 -6.55
N ALA A 108 -4.99 -10.99 -6.80
CA ALA A 108 -4.30 -9.78 -6.40
C ALA A 108 -5.30 -8.86 -5.64
N THR A 109 -5.97 -9.42 -4.63
CA THR A 109 -7.09 -8.80 -3.91
C THR A 109 -6.65 -7.75 -2.88
N GLY A 110 -5.33 -7.60 -2.72
CA GLY A 110 -4.75 -6.57 -1.92
C GLY A 110 -5.05 -6.61 -0.45
N ALA A 111 -5.24 -5.43 0.11
CA ALA A 111 -5.54 -5.25 1.54
C ALA A 111 -6.49 -4.08 1.83
N ARG A 112 -7.02 -4.07 3.05
CA ARG A 112 -7.81 -2.98 3.58
C ARG A 112 -7.05 -2.32 4.69
N ALA A 113 -7.40 -1.07 4.98
CA ALA A 113 -6.94 -0.40 6.19
C ALA A 113 -7.42 -1.17 7.43
N ARG A 114 -6.52 -1.36 8.40
CA ARG A 114 -6.91 -1.86 9.71
C ARG A 114 -7.82 -0.79 10.32
N GLU A 115 -9.02 -1.19 10.69
CA GLU A 115 -10.01 -0.29 11.29
C GLU A 115 -9.70 -0.09 12.79
N PRO A 116 -9.87 1.15 13.30
CA PRO A 116 -9.67 1.40 14.76
C PRO A 116 -10.84 0.81 15.56
N GLN A 117 -10.56 0.31 16.77
CA GLN A 117 -11.61 -0.31 17.62
C GLN A 117 -11.80 0.40 18.97
N ILE A 118 -11.45 1.68 19.02
CA ILE A 118 -11.63 2.46 20.27
C ILE A 118 -13.01 3.04 20.40
N LYS A 119 -13.33 3.49 21.62
CA LYS A 119 -14.45 4.40 21.87
C LYS A 119 -14.31 5.61 20.92
N GLY A 120 -15.33 5.85 20.10
CA GLY A 120 -15.35 6.97 19.16
C GLY A 120 -14.71 6.68 17.81
N LYS A 121 -14.60 5.39 17.46
CA LYS A 121 -14.00 5.00 16.18
C LYS A 121 -14.75 5.58 14.98
N GLU A 122 -16.03 5.86 15.16
CA GLU A 122 -16.84 6.46 14.12
C GLU A 122 -16.40 7.87 13.71
N TYR A 123 -15.45 8.46 14.45
CA TYR A 123 -14.89 9.78 14.14
C TYR A 123 -13.55 9.70 13.41
N LEU A 124 -13.05 8.49 13.23
CA LEU A 124 -11.76 8.24 12.61
C LEU A 124 -11.93 7.78 11.16
N LEU A 125 -11.10 8.33 10.26
CA LEU A 125 -11.11 7.99 8.84
C LEU A 125 -9.89 7.11 8.56
N THR A 126 -10.02 6.25 7.55
CA THR A 126 -8.86 5.54 7.02
C THR A 126 -8.68 5.86 5.56
N LEU A 127 -7.51 5.54 5.07
CA LEU A 127 -7.08 5.85 3.75
C LEU A 127 -6.56 4.62 3.07
N ARG A 128 -7.24 4.27 1.97
CA ARG A 128 -6.88 3.14 1.16
C ARG A 128 -7.16 3.42 -0.29
N THR A 129 -8.40 3.84 -0.57
CA THR A 129 -8.86 4.09 -1.96
C THR A 129 -8.90 5.55 -2.31
N ILE A 130 -9.03 5.81 -3.61
CA ILE A 130 -9.23 7.17 -4.11
C ILE A 130 -10.47 7.84 -3.48
N PHE A 131 -11.46 7.03 -3.11
CA PHE A 131 -12.72 7.51 -2.55
C PHE A 131 -12.55 7.93 -1.13
N ASP A 132 -11.72 7.21 -0.39
CA ASP A 132 -11.24 7.68 0.92
C ASP A 132 -10.46 8.97 0.82
N ALA A 133 -9.59 9.06 -0.17
CA ALA A 133 -8.80 10.29 -0.40
C ALA A 133 -9.69 11.50 -0.64
N ASP A 134 -10.72 11.32 -1.49
CA ASP A 134 -11.72 12.38 -1.77
C ASP A 134 -12.40 12.91 -0.50
N ARG A 135 -12.82 11.98 0.38
CA ARG A 135 -13.50 12.33 1.63
C ARG A 135 -12.55 13.04 2.60
N ILE A 136 -11.34 12.51 2.74
CA ILE A 136 -10.29 13.16 3.52
C ILE A 136 -9.96 14.53 2.98
N LYS A 137 -9.78 14.66 1.66
CA LYS A 137 -9.53 15.96 1.07
C LYS A 137 -10.65 17.00 1.43
N GLU A 138 -11.91 16.65 1.14
CA GLU A 138 -13.06 17.52 1.47
C GLU A 138 -13.19 17.85 2.97
N SER A 139 -12.92 16.90 3.86
CA SER A 139 -12.87 17.14 5.33
C SER A 139 -11.78 18.12 5.79
N ILE A 140 -10.56 18.05 5.22
CA ILE A 140 -9.47 19.02 5.56
C ILE A 140 -9.69 20.38 4.88
N GLU A 141 -10.31 20.38 3.73
CA GLU A 141 -10.75 21.65 3.14
C GLU A 141 -11.83 22.31 3.99
N ASN A 142 -12.73 21.51 4.58
CA ASN A 142 -13.73 22.07 5.51
C ASN A 142 -13.08 22.54 6.82
N SER A 143 -12.17 21.73 7.38
CA SER A 143 -11.61 21.96 8.73
C SER A 143 -10.30 22.79 8.79
N GLY A 144 -9.46 22.69 7.76
CA GLY A 144 -8.12 23.30 7.76
C GLY A 144 -7.03 22.53 8.54
N GLU A 145 -7.38 21.33 9.02
CA GLU A 145 -6.48 20.54 9.90
C GLU A 145 -6.75 19.06 9.80
N ALA A 146 -5.73 18.28 10.16
CA ALA A 146 -5.88 16.84 10.41
C ALA A 146 -5.01 16.36 11.57
N ILE A 147 -5.57 15.44 12.35
CA ILE A 147 -4.78 14.61 13.25
C ILE A 147 -4.52 13.27 12.52
N ILE A 148 -3.25 12.84 12.49
CA ILE A 148 -2.89 11.53 11.95
C ILE A 148 -2.43 10.63 13.10
N ILE A 149 -3.05 9.44 13.20
CA ILE A 149 -2.64 8.41 14.20
C ILE A 149 -1.92 7.24 13.47
N GLY A 150 -0.60 7.13 13.70
CA GLY A 150 0.22 6.17 12.99
C GLY A 150 1.61 6.63 12.72
N GLY A 151 2.31 5.96 11.81
CA GLY A 151 3.75 6.26 11.60
C GLY A 151 4.54 5.19 10.86
N GLY A 152 3.88 4.70 9.80
CA GLY A 152 4.52 4.04 8.69
C GLY A 152 4.44 5.01 7.53
N PHE A 153 4.67 4.54 6.33
CA PHE A 153 4.81 5.50 5.23
C PHE A 153 3.52 6.25 4.91
N ILE A 154 2.38 5.64 5.12
CA ILE A 154 1.13 6.30 4.77
C ILE A 154 0.88 7.52 5.70
N GLY A 155 1.03 7.33 7.00
CA GLY A 155 0.89 8.41 7.97
C GLY A 155 1.89 9.53 7.79
N LEU A 156 3.16 9.18 7.52
CA LEU A 156 4.20 10.20 7.36
C LEU A 156 4.11 10.92 6.03
N GLU A 157 3.69 10.21 5.00
CA GLU A 157 3.46 10.84 3.66
C GLU A 157 2.37 11.87 3.74
N LEU A 158 1.26 11.45 4.30
CA LEU A 158 0.13 12.29 4.51
C LEU A 158 0.46 13.52 5.34
N ALA A 159 1.10 13.31 6.47
CA ALA A 159 1.46 14.40 7.38
C ALA A 159 2.45 15.39 6.73
N GLY A 160 3.43 14.86 6.01
CA GLY A 160 4.41 15.66 5.30
C GLY A 160 3.82 16.46 4.18
N ASN A 161 2.98 15.86 3.37
CA ASN A 161 2.34 16.60 2.26
C ASN A 161 1.35 17.63 2.75
N LEU A 162 0.59 17.29 3.80
CA LEU A 162 -0.40 18.23 4.39
C LEU A 162 0.27 19.45 4.99
N ALA A 163 1.34 19.23 5.78
CA ALA A 163 2.14 20.33 6.37
C ALA A 163 2.75 21.21 5.27
N GLU A 164 3.30 20.57 4.25
CA GLU A 164 3.87 21.29 3.13
C GLU A 164 2.82 22.17 2.41
N ALA A 165 1.56 21.73 2.36
CA ALA A 165 0.50 22.54 1.78
C ALA A 165 -0.02 23.61 2.76
N GLY A 166 0.50 23.64 3.98
CA GLY A 166 0.11 24.63 4.97
C GLY A 166 -1.11 24.28 5.81
N TYR A 167 -1.48 23.00 5.89
CA TYR A 167 -2.54 22.61 6.80
C TYR A 167 -1.88 22.46 8.20
N HIS A 168 -2.71 22.53 9.25
CA HIS A 168 -2.27 22.15 10.58
C HIS A 168 -2.31 20.64 10.66
N VAL A 169 -1.14 20.08 10.98
CA VAL A 169 -0.98 18.67 11.08
C VAL A 169 -0.49 18.30 12.46
N LYS A 170 -1.16 17.34 13.06
CA LYS A 170 -0.75 16.74 14.31
C LYS A 170 -0.63 15.25 14.04
N LEU A 171 0.42 14.61 14.55
CA LEU A 171 0.66 13.19 14.35
C LEU A 171 0.84 12.51 15.69
N ILE A 172 -0.03 11.55 16.00
CA ILE A 172 0.03 10.82 17.27
C ILE A 172 0.61 9.43 17.01
N HIS A 173 1.65 9.08 17.77
CA HIS A 173 2.39 7.84 17.56
C HIS A 173 2.75 7.17 18.88
N ARG A 174 2.58 5.87 18.92
CA ARG A 174 3.06 5.02 20.00
C ARG A 174 4.57 4.89 19.89
N GLY A 175 5.25 5.01 21.01
CA GLY A 175 6.69 4.97 20.99
C GLY A 175 7.25 6.11 20.17
N ALA A 176 8.46 5.91 19.68
CA ALA A 176 9.21 6.95 19.02
C ALA A 176 9.94 6.45 17.78
N MET A 177 9.70 5.20 17.35
CA MET A 177 10.31 4.63 16.15
C MET A 177 9.42 4.83 14.95
N PHE A 178 10.04 5.17 13.82
CA PHE A 178 9.29 5.34 12.57
C PHE A 178 9.88 4.41 11.53
N LEU A 179 9.01 3.88 10.69
CA LEU A 179 9.42 3.00 9.59
C LEU A 179 10.32 1.84 10.03
N GLY A 180 10.20 1.40 11.28
CA GLY A 180 11.02 0.31 11.80
C GLY A 180 12.49 0.64 11.94
N LEU A 181 12.85 1.92 11.84
CA LEU A 181 14.24 2.34 11.87
C LEU A 181 14.68 2.63 13.29
N ASP A 182 15.99 2.70 13.48
CA ASP A 182 16.58 2.94 14.79
C ASP A 182 16.14 4.31 15.30
N GLU A 183 16.42 4.59 16.58
CA GLU A 183 15.85 5.76 17.25
C GLU A 183 16.47 7.10 16.80
N GLU A 184 17.78 7.06 16.44
CA GLU A 184 18.46 8.22 15.87
C GLU A 184 17.81 8.67 14.56
N LEU A 185 17.70 7.74 13.62
CA LEU A 185 17.11 8.03 12.32
C LEU A 185 15.66 8.47 12.47
N SER A 186 14.95 7.76 13.34
CA SER A 186 13.56 8.07 13.64
C SER A 186 13.42 9.48 14.19
N ASN A 187 14.31 9.85 15.09
CA ASN A 187 14.32 11.24 15.61
C ASN A 187 14.64 12.31 14.53
N MET A 188 15.53 11.97 13.60
CA MET A 188 15.91 12.86 12.48
C MET A 188 14.77 13.08 11.53
N ILE A 189 14.06 12.02 11.21
CA ILE A 189 12.88 12.15 10.36
C ILE A 189 11.86 13.05 11.04
N LYS A 190 11.68 12.85 12.35
CA LYS A 190 10.76 13.61 13.15
C LYS A 190 11.11 15.10 13.12
N ASP A 191 12.37 15.41 13.41
CA ASP A 191 12.87 16.80 13.38
C ASP A 191 12.65 17.49 12.02
N MET A 192 12.90 16.76 10.94
CA MET A 192 12.74 17.30 9.59
C MET A 192 11.29 17.59 9.28
N LEU A 193 10.39 16.65 9.61
CA LEU A 193 8.95 16.93 9.51
C LEU A 193 8.41 17.99 10.49
N GLU A 194 8.96 18.10 11.68
CA GLU A 194 8.59 19.18 12.58
C GLU A 194 8.83 20.57 11.96
N GLU A 195 10.03 20.76 11.39
CA GLU A 195 10.40 22.06 10.82
C GLU A 195 9.40 22.48 9.73
N THR A 196 8.97 21.51 8.94
CA THR A 196 7.88 21.63 7.97
C THR A 196 6.49 22.01 8.54
N GLY A 197 6.29 21.85 9.85
CA GLY A 197 5.03 22.20 10.48
C GLY A 197 4.23 21.04 11.05
N VAL A 198 4.81 19.84 11.12
CA VAL A 198 4.11 18.72 11.77
C VAL A 198 4.34 18.77 13.28
N LYS A 199 3.26 18.72 14.04
CA LYS A 199 3.33 18.68 15.49
C LYS A 199 3.22 17.23 15.92
N PHE A 200 4.22 16.73 16.63
CA PHE A 200 4.29 15.29 16.98
C PHE A 200 3.86 14.99 18.40
N PHE A 201 3.11 13.90 18.55
CA PHE A 201 2.82 13.35 19.86
C PHE A 201 3.30 11.92 19.90
N LEU A 202 4.53 11.75 20.39
CA LEU A 202 5.17 10.44 20.50
C LEU A 202 4.90 9.83 21.86
N ASN A 203 5.15 8.53 21.97
CA ASN A 203 4.92 7.79 23.22
C ASN A 203 3.46 7.96 23.72
N SER A 204 2.55 8.03 22.75
CA SER A 204 1.17 8.44 22.94
C SER A 204 0.23 7.41 22.38
N GLU A 205 -0.76 7.05 23.19
CA GLU A 205 -1.72 5.98 22.92
C GLU A 205 -3.16 6.56 22.94
N LEU A 206 -3.96 6.28 21.90
CA LEU A 206 -5.40 6.65 21.90
C LEU A 206 -6.25 5.89 22.91
N LEU A 207 -6.96 6.65 23.75
CA LEU A 207 -7.91 6.11 24.72
C LEU A 207 -9.34 6.27 24.18
N GLU A 208 -9.63 7.41 23.59
CA GLU A 208 -10.89 7.62 22.91
C GLU A 208 -10.85 8.78 21.94
N ALA A 209 -11.77 8.75 20.98
CA ALA A 209 -12.01 9.86 20.07
C ALA A 209 -13.43 10.43 20.28
N ASN A 210 -13.56 11.73 20.03
CA ASN A 210 -14.86 12.38 19.97
C ASN A 210 -14.86 13.37 18.79
N GLU A 211 -15.91 14.16 18.68
CA GLU A 211 -16.13 15.07 17.55
C GLU A 211 -15.01 16.08 17.47
N GLU A 212 -14.65 16.67 18.61
CA GLU A 212 -13.70 17.77 18.63
C GLU A 212 -12.19 17.35 18.81
N GLY A 213 -11.91 16.06 19.01
CA GLY A 213 -10.53 15.60 19.14
C GLY A 213 -10.33 14.17 19.61
N VAL A 214 -9.11 13.90 20.09
CA VAL A 214 -8.73 12.58 20.61
C VAL A 214 -8.04 12.67 21.99
N LEU A 215 -8.39 11.74 22.88
CA LEU A 215 -7.73 11.60 24.17
C LEU A 215 -6.62 10.51 24.10
N THR A 216 -5.43 10.87 24.56
CA THR A 216 -4.32 9.94 24.69
C THR A 216 -4.01 9.72 26.15
N ASN A 217 -3.01 8.89 26.42
CA ASN A 217 -2.46 8.76 27.78
C ASN A 217 -2.00 10.10 28.37
N SER A 218 -1.42 10.95 27.53
CA SER A 218 -0.79 12.17 28.01
C SER A 218 -1.59 13.45 27.68
N GLY A 219 -2.82 13.32 27.15
CA GLY A 219 -3.75 14.46 27.10
C GLY A 219 -4.77 14.45 25.99
N PHE A 220 -5.29 15.64 25.66
CA PHE A 220 -6.35 15.78 24.69
C PHE A 220 -5.88 16.63 23.54
N ILE A 221 -5.94 16.05 22.33
CA ILE A 221 -5.48 16.72 21.10
C ILE A 221 -6.70 17.18 20.28
N GLU A 222 -6.78 18.47 20.04
CA GLU A 222 -7.89 19.08 19.31
C GLU A 222 -7.77 18.91 17.78
N GLY A 223 -8.88 18.49 17.17
CA GLY A 223 -8.98 18.31 15.74
C GLY A 223 -10.26 17.59 15.38
N LYS A 224 -11.05 18.15 14.47
CA LYS A 224 -12.23 17.43 14.02
C LYS A 224 -11.95 16.40 12.92
N VAL A 225 -10.82 16.49 12.23
CA VAL A 225 -10.45 15.47 11.24
C VAL A 225 -9.33 14.58 11.80
N LYS A 226 -9.66 13.30 11.95
CA LYS A 226 -8.72 12.27 12.41
C LYS A 226 -8.58 11.18 11.36
N ILE A 227 -7.34 10.88 11.01
CA ILE A 227 -7.05 9.81 10.06
C ILE A 227 -6.17 8.75 10.73
N CYS A 228 -6.64 7.54 10.73
CA CYS A 228 -5.99 6.42 11.35
C CYS A 228 -5.14 5.70 10.30
N ALA A 229 -3.85 5.48 10.57
CA ALA A 229 -2.94 4.72 9.64
C ALA A 229 -2.02 3.80 10.48
N ILE A 230 -2.61 2.69 10.92
CA ILE A 230 -1.96 1.79 11.85
C ILE A 230 -1.68 0.43 11.23
N GLY A 231 -1.87 0.30 9.94
CA GLY A 231 -1.58 -0.97 9.28
C GLY A 231 -2.66 -1.44 8.35
N ILE A 232 -2.38 -2.60 7.74
CA ILE A 232 -3.27 -3.21 6.74
C ILE A 232 -3.71 -4.59 7.14
N VAL A 233 -4.83 -5.02 6.54
CA VAL A 233 -5.40 -6.35 6.74
C VAL A 233 -5.58 -6.93 5.33
N PRO A 234 -4.80 -7.95 4.97
CA PRO A 234 -4.95 -8.61 3.64
C PRO A 234 -6.32 -9.16 3.38
N ASN A 235 -6.80 -8.97 2.15
CA ASN A 235 -8.13 -9.45 1.76
C ASN A 235 -8.00 -10.88 1.30
N VAL A 236 -8.38 -11.82 2.18
CA VAL A 236 -8.24 -13.25 1.99
C VAL A 236 -9.56 -14.02 2.03
N ASP A 237 -10.67 -13.30 2.17
CA ASP A 237 -11.99 -13.91 2.33
C ASP A 237 -12.51 -14.66 1.11
N LEU A 238 -12.24 -14.12 -0.07
CA LEU A 238 -12.60 -14.79 -1.31
C LEU A 238 -11.90 -16.14 -1.42
N ALA A 239 -10.60 -16.14 -1.13
CA ALA A 239 -9.80 -17.36 -1.11
C ALA A 239 -10.35 -18.34 -0.04
N ARG A 240 -10.42 -17.87 1.18
CA ARG A 240 -10.89 -18.62 2.32
C ARG A 240 -12.21 -19.37 2.04
N ARG A 241 -13.23 -18.64 1.55
CA ARG A 241 -14.52 -19.27 1.29
C ARG A 241 -14.58 -20.11 -0.02
N SER A 242 -13.51 -20.03 -0.83
CA SER A 242 -13.31 -20.91 -1.96
C SER A 242 -12.40 -22.12 -1.63
N GLY A 243 -12.04 -22.31 -0.38
CA GLY A 243 -11.27 -23.51 0.06
C GLY A 243 -9.75 -23.42 -0.13
N ILE A 244 -9.28 -22.20 -0.32
CA ILE A 244 -7.88 -21.89 -0.52
C ILE A 244 -7.33 -21.45 0.84
N HIS A 245 -6.19 -22.00 1.22
CA HIS A 245 -5.69 -21.81 2.57
C HIS A 245 -5.07 -20.44 2.76
N THR A 246 -5.38 -19.87 3.92
CA THR A 246 -4.98 -18.56 4.27
C THR A 246 -4.45 -18.61 5.70
N GLY A 247 -3.61 -17.64 6.02
CA GLY A 247 -3.22 -17.32 7.39
C GLY A 247 -3.53 -15.84 7.49
N ARG A 248 -2.53 -15.01 7.78
CA ARG A 248 -2.72 -13.57 7.71
C ARG A 248 -2.96 -13.11 6.24
N GLY A 249 -2.27 -13.75 5.29
CA GLY A 249 -2.51 -13.56 3.86
C GLY A 249 -2.85 -14.90 3.20
N ILE A 250 -3.09 -14.88 1.90
CA ILE A 250 -3.29 -16.11 1.12
C ILE A 250 -1.92 -16.77 1.08
N LEU A 251 -1.84 -18.04 1.52
CA LEU A 251 -0.54 -18.74 1.64
C LEU A 251 0.00 -19.23 0.27
N ILE A 252 1.15 -18.71 -0.13
CA ILE A 252 1.78 -19.04 -1.42
C ILE A 252 3.16 -19.68 -1.22
N ASP A 253 3.60 -20.44 -2.23
CA ASP A 253 4.98 -20.95 -2.23
C ASP A 253 5.88 -19.93 -2.95
N ASP A 254 7.14 -20.30 -3.22
CA ASP A 254 8.10 -19.33 -3.79
C ASP A 254 7.85 -19.00 -5.29
N ASN A 255 6.95 -19.75 -5.93
CA ASN A 255 6.47 -19.48 -7.31
C ASN A 255 5.05 -18.80 -7.34
N PHE A 256 4.61 -18.30 -6.19
CA PHE A 256 3.32 -17.56 -6.02
C PHE A 256 2.11 -18.47 -6.16
N ARG A 257 2.32 -19.77 -6.06
CA ARG A 257 1.20 -20.71 -6.16
C ARG A 257 0.52 -20.86 -4.82
N THR A 258 -0.81 -20.74 -4.82
CA THR A 258 -1.63 -21.03 -3.61
C THR A 258 -1.74 -22.55 -3.34
N SER A 259 -2.58 -22.94 -2.35
CA SER A 259 -2.86 -24.35 -2.06
C SER A 259 -3.72 -25.00 -3.13
N ALA A 260 -4.30 -24.19 -4.03
CA ALA A 260 -5.20 -24.66 -5.09
C ALA A 260 -4.49 -24.67 -6.44
N LYS A 261 -4.58 -25.82 -7.11
CA LYS A 261 -4.12 -25.96 -8.48
C LYS A 261 -4.67 -24.85 -9.39
N ASP A 262 -3.77 -24.24 -10.18
CA ASP A 262 -4.09 -23.19 -11.17
C ASP A 262 -4.45 -21.82 -10.55
N VAL A 263 -4.26 -21.66 -9.24
CA VAL A 263 -4.52 -20.39 -8.58
C VAL A 263 -3.21 -19.88 -7.92
N TYR A 264 -2.83 -18.66 -8.32
CA TYR A 264 -1.68 -17.96 -7.80
C TYR A 264 -2.16 -16.74 -7.03
N ALA A 265 -1.29 -16.14 -6.25
CA ALA A 265 -1.58 -14.88 -5.60
C ALA A 265 -0.32 -14.04 -5.52
N ILE A 266 -0.47 -12.73 -5.76
CA ILE A 266 0.62 -11.75 -5.62
C ILE A 266 0.16 -10.51 -4.84
N GLY A 267 1.15 -9.75 -4.32
CA GLY A 267 0.89 -8.43 -3.78
C GLY A 267 0.49 -8.46 -2.33
N ASP A 268 -0.21 -7.43 -1.87
CA ASP A 268 -0.63 -7.29 -0.46
C ASP A 268 -1.47 -8.42 0.10
N CYS A 269 -2.15 -9.21 -0.76
CA CYS A 269 -2.97 -10.35 -0.29
C CYS A 269 -2.15 -11.63 -0.05
N ALA A 270 -0.93 -11.69 -0.61
CA ALA A 270 -0.17 -12.93 -0.68
C ALA A 270 0.89 -12.98 0.42
N GLU A 271 0.95 -14.10 1.13
CA GLU A 271 1.90 -14.33 2.20
C GLU A 271 2.86 -15.52 1.89
N TYR A 272 4.17 -15.24 1.87
CA TYR A 272 5.21 -16.25 1.65
C TYR A 272 6.15 -16.16 2.81
N SER A 273 6.42 -17.31 3.45
CA SER A 273 7.24 -17.38 4.68
C SER A 273 7.04 -16.21 5.64
N GLY A 274 5.79 -15.98 6.02
CA GLY A 274 5.47 -14.95 7.01
C GLY A 274 5.51 -13.53 6.47
N ILE A 275 5.92 -13.37 5.21
CA ILE A 275 6.13 -12.05 4.63
C ILE A 275 5.02 -11.69 3.66
N ILE A 276 4.52 -10.46 3.86
CA ILE A 276 3.76 -9.71 2.90
C ILE A 276 4.57 -8.40 2.72
N ALA A 277 5.05 -8.14 1.51
CA ALA A 277 5.94 -6.96 1.25
C ALA A 277 5.28 -5.65 1.63
N GLY A 278 4.11 -5.42 1.05
CA GLY A 278 3.29 -4.33 1.49
C GLY A 278 3.58 -3.01 0.82
N THR A 279 4.22 -3.04 -0.36
CA THR A 279 4.43 -1.84 -1.17
C THR A 279 3.94 -2.07 -2.59
N ALA A 280 3.74 -0.97 -3.33
CA ALA A 280 3.38 -1.00 -4.75
C ALA A 280 4.54 -1.49 -5.60
N LYS A 281 5.75 -1.12 -5.22
CA LYS A 281 6.96 -1.54 -5.92
C LYS A 281 7.18 -3.05 -5.85
N ALA A 282 7.01 -3.60 -4.64
CA ALA A 282 7.01 -5.06 -4.41
C ALA A 282 5.87 -5.79 -5.17
N ALA A 283 4.67 -5.24 -5.09
CA ALA A 283 3.52 -5.79 -5.81
C ALA A 283 3.77 -5.88 -7.31
N MET A 284 4.34 -4.81 -7.89
CA MET A 284 4.74 -4.77 -9.31
C MET A 284 5.90 -5.69 -9.67
N GLU A 285 6.89 -5.81 -8.78
CA GLU A 285 8.01 -6.76 -9.01
C GLU A 285 7.53 -8.24 -8.97
N GLN A 286 6.66 -8.56 -8.01
CA GLN A 286 6.02 -9.88 -7.95
C GLN A 286 5.22 -10.22 -9.21
N ALA A 287 4.50 -9.24 -9.75
CA ALA A 287 3.75 -9.39 -10.99
C ALA A 287 4.65 -9.71 -12.16
N ARG A 288 5.81 -9.02 -12.23
CA ARG A 288 6.82 -9.27 -13.27
C ARG A 288 7.43 -10.66 -13.18
N VAL A 289 7.76 -11.08 -11.96
CA VAL A 289 8.36 -12.38 -11.77
C VAL A 289 7.30 -13.44 -12.07
N LEU A 290 6.08 -13.26 -11.58
CA LEU A 290 5.03 -14.22 -11.90
C LEU A 290 4.76 -14.28 -13.39
N ALA A 291 4.79 -13.12 -14.09
CA ALA A 291 4.62 -13.12 -15.57
C ALA A 291 5.70 -13.97 -16.24
N ASP A 292 6.96 -13.76 -15.85
CA ASP A 292 8.08 -14.62 -16.30
C ASP A 292 7.77 -16.11 -16.08
N ILE A 293 7.43 -16.49 -14.85
CA ILE A 293 7.10 -17.88 -14.53
C ILE A 293 5.96 -18.43 -15.43
N LEU A 294 4.87 -17.69 -15.57
CA LEU A 294 3.72 -18.14 -16.40
C LEU A 294 4.09 -18.30 -17.88
N LYS A 295 5.11 -17.55 -18.31
CA LYS A 295 5.67 -17.64 -19.65
C LYS A 295 6.82 -18.66 -19.76
N GLY A 296 6.95 -19.55 -18.79
CA GLY A 296 7.99 -20.57 -18.84
C GLY A 296 9.42 -20.10 -18.65
N GLU A 297 9.61 -18.93 -18.04
CA GLU A 297 10.94 -18.42 -17.71
C GLU A 297 11.09 -18.51 -16.18
N PRO A 298 11.68 -19.60 -15.68
CA PRO A 298 11.82 -19.75 -14.21
C PRO A 298 12.56 -18.55 -13.61
N ARG A 299 12.04 -18.02 -12.51
CA ARG A 299 12.66 -16.90 -11.79
C ARG A 299 12.38 -17.06 -10.31
N ARG A 300 13.36 -16.66 -9.50
CA ARG A 300 13.26 -16.73 -8.04
C ARG A 300 13.26 -15.32 -7.49
N TYR A 301 12.06 -14.75 -7.36
CA TYR A 301 11.87 -13.49 -6.65
C TYR A 301 12.54 -13.60 -5.27
N ASN A 302 13.34 -12.58 -4.93
CA ASN A 302 13.84 -12.42 -3.58
C ASN A 302 12.75 -11.83 -2.68
N PHE A 303 12.11 -12.69 -1.90
CA PHE A 303 11.06 -12.28 -0.98
C PHE A 303 11.58 -11.52 0.24
N LYS A 304 12.84 -11.73 0.60
CA LYS A 304 13.41 -11.11 1.81
C LYS A 304 13.70 -9.61 1.58
N PHE A 305 14.52 -9.33 0.55
CA PHE A 305 15.04 -7.99 0.27
C PHE A 305 13.96 -6.98 -0.07
N ARG A 306 13.93 -5.87 0.66
CA ARG A 306 13.13 -4.70 0.27
C ARG A 306 14.03 -3.49 0.01
N SER A 307 13.64 -2.72 -0.99
CA SER A 307 14.27 -1.46 -1.32
C SER A 307 13.19 -0.54 -1.84
N THR A 308 12.97 0.58 -1.15
CA THR A 308 11.92 1.49 -1.56
C THR A 308 12.22 2.93 -1.09
N VAL A 309 11.73 3.90 -1.85
CA VAL A 309 11.92 5.29 -1.56
C VAL A 309 10.59 5.91 -1.26
N PHE A 310 10.50 6.62 -0.15
CA PHE A 310 9.29 7.33 0.22
C PHE A 310 9.60 8.81 0.18
N LYS A 311 8.56 9.60 -0.06
CA LYS A 311 8.66 11.02 -0.15
C LYS A 311 7.63 11.59 0.80
N PHE A 312 8.10 12.27 1.86
CA PHE A 312 7.27 12.85 2.94
C PHE A 312 7.41 14.35 2.85
N GLY A 313 6.51 15.01 2.11
CA GLY A 313 6.78 16.40 1.67
C GLY A 313 8.01 16.48 0.76
N LYS A 314 8.90 17.44 1.01
CA LYS A 314 10.17 17.54 0.23
C LYS A 314 11.19 16.39 0.57
N LEU A 315 11.01 15.79 1.75
CA LEU A 315 11.93 14.77 2.27
C LEU A 315 11.78 13.47 1.52
N GLN A 316 12.80 13.12 0.75
CA GLN A 316 12.89 11.81 0.14
C GLN A 316 13.82 10.89 0.97
N ILE A 317 13.37 9.64 1.20
CA ILE A 317 14.13 8.68 1.99
C ILE A 317 14.17 7.27 1.35
N ALA A 318 15.36 6.78 1.05
CA ALA A 318 15.52 5.40 0.56
C ALA A 318 15.89 4.46 1.69
N ILE A 319 15.12 3.37 1.84
CA ILE A 319 15.40 2.35 2.84
C ILE A 319 15.72 1.06 2.11
N ILE A 320 16.93 0.54 2.32
CA ILE A 320 17.46 -0.56 1.49
C ILE A 320 17.97 -1.70 2.38
N GLY A 321 17.43 -2.90 2.18
CA GLY A 321 17.90 -4.11 2.87
C GLY A 321 17.68 -4.14 4.37
N ASN A 322 18.67 -4.63 5.09
CA ASN A 322 18.59 -4.82 6.54
C ASN A 322 19.14 -3.60 7.29
N THR A 323 18.24 -2.85 7.92
CA THR A 323 18.59 -1.69 8.71
C THR A 323 18.52 -2.00 10.21
N LYS A 324 18.31 -3.29 10.53
CA LYS A 324 18.18 -3.75 11.93
C LYS A 324 19.55 -3.98 12.59
N GLY A 325 20.63 -3.83 11.83
CA GLY A 325 21.98 -3.88 12.41
C GLY A 325 22.40 -2.56 13.04
N GLU A 326 23.68 -2.48 13.40
CA GLU A 326 24.27 -1.24 13.87
C GLU A 326 24.79 -0.47 12.67
N GLY A 327 24.37 0.80 12.56
CA GLY A 327 24.67 1.64 11.41
C GLY A 327 25.75 2.68 11.64
N LYS A 328 26.28 3.20 10.53
CA LYS A 328 27.37 4.17 10.55
C LYS A 328 27.21 5.12 9.38
N TRP A 329 27.37 6.42 9.64
CA TRP A 329 27.38 7.43 8.58
C TRP A 329 28.73 7.36 7.88
N ILE A 330 28.73 7.18 6.56
CA ILE A 330 30.00 7.12 5.80
C ILE A 330 30.14 8.34 4.89
N GLU A 331 29.00 8.95 4.54
CA GLU A 331 28.95 10.19 3.80
C GLU A 331 27.75 10.99 4.28
N ASP A 332 27.64 12.21 3.75
CA ASP A 332 26.47 13.04 3.97
C ASP A 332 25.25 12.25 3.56
N ASN A 333 24.19 12.35 4.36
CA ASN A 333 22.88 11.76 4.07
C ASN A 333 22.82 10.25 3.95
N THR A 334 23.87 9.53 4.37
CA THR A 334 23.88 8.08 4.15
C THR A 334 24.42 7.28 5.33
N LYS A 335 23.52 6.49 5.92
CA LYS A 335 23.81 5.62 7.04
C LYS A 335 23.77 4.18 6.52
N VAL A 336 24.89 3.48 6.63
CA VAL A 336 24.99 2.10 6.14
C VAL A 336 25.12 1.09 7.30
N PHE A 337 24.76 -0.17 7.01
CA PHE A 337 24.72 -1.24 8.02
C PHE A 337 25.55 -2.40 7.48
N TYR A 338 26.28 -3.09 8.36
CA TYR A 338 27.26 -4.09 7.93
C TYR A 338 26.98 -5.48 8.48
N ILE A 344 24.99 -4.62 4.53
CA ILE A 344 23.71 -5.29 4.33
C ILE A 344 22.50 -4.35 4.24
N GLY A 345 22.68 -3.09 4.58
CA GLY A 345 21.58 -2.13 4.45
C GLY A 345 22.03 -0.70 4.32
N ALA A 346 21.08 0.16 3.97
CA ALA A 346 21.31 1.61 3.92
C ALA A 346 20.03 2.41 4.01
N VAL A 347 20.15 3.62 4.60
CA VAL A 347 19.14 4.66 4.55
C VAL A 347 19.79 5.89 3.93
N VAL A 348 19.15 6.46 2.92
CA VAL A 348 19.69 7.59 2.19
C VAL A 348 18.66 8.72 2.12
N PHE A 349 19.04 9.91 2.62
CA PHE A 349 18.21 11.08 2.55
C PHE A 349 18.54 11.87 1.29
N ASN A 350 17.50 12.16 0.50
CA ASN A 350 17.57 13.06 -0.67
C ASN A 350 18.78 12.82 -1.59
N ASP A 351 19.04 11.56 -1.92
CA ASP A 351 20.11 11.23 -2.86
C ASP A 351 19.82 9.90 -3.58
N ILE A 352 19.06 10.00 -4.67
CA ILE A 352 18.68 8.83 -5.48
C ILE A 352 19.91 8.16 -6.08
N ARG A 353 20.85 8.98 -6.56
CA ARG A 353 22.11 8.47 -7.13
C ARG A 353 22.83 7.54 -6.16
N LYS A 354 23.03 8.01 -4.93
CA LYS A 354 23.69 7.21 -3.88
C LYS A 354 22.88 5.97 -3.46
N ALA A 355 21.55 6.08 -3.52
CA ALA A 355 20.66 4.97 -3.19
C ALA A 355 20.78 3.82 -4.19
N THR A 356 20.80 4.16 -5.48
CA THR A 356 20.94 3.17 -6.55
C THR A 356 22.26 2.37 -6.43
N LYS A 357 23.37 3.08 -6.20
CA LYS A 357 24.68 2.41 -6.09
C LYS A 357 24.80 1.54 -4.83
N LEU A 358 24.20 1.95 -3.73
CA LEU A 358 24.20 1.13 -2.48
C LEU A 358 23.30 -0.13 -2.62
N GLU A 359 22.25 -0.02 -3.42
CA GLU A 359 21.52 -1.21 -3.89
C GLU A 359 22.21 -1.82 -5.13
PA FAD B . -4.49 -3.24 -3.79
O1A FAD B . -5.09 -3.27 -2.39
O2A FAD B . -3.93 -1.91 -4.16
O5B FAD B . -5.63 -3.65 -4.83
C5B FAD B . -6.44 -4.78 -4.64
C4B FAD B . -7.63 -4.68 -5.57
O4B FAD B . -8.44 -5.84 -5.49
C3B FAD B . -8.54 -3.52 -5.18
O3B FAD B . -8.71 -2.65 -6.28
C2B FAD B . -9.88 -4.12 -4.80
O2B FAD B . -10.96 -3.30 -5.22
C1B FAD B . -9.81 -5.44 -5.52
N9A FAD B . -10.56 -6.52 -4.93
C8A FAD B . -10.34 -7.14 -3.72
N7A FAD B . -11.24 -8.15 -3.60
C5A FAD B . -12.00 -8.20 -4.69
C6A FAD B . -13.07 -9.00 -5.06
N6A FAD B . -13.51 -9.96 -4.27
N1A FAD B . -13.68 -8.76 -6.28
C2A FAD B . -13.24 -7.77 -7.13
N3A FAD B . -12.19 -6.96 -6.73
C4A FAD B . -11.59 -7.17 -5.55
N1 FAD B . 3.57 1.80 -1.58
C2 FAD B . 4.84 2.19 -1.93
O2 FAD B . 5.60 1.37 -2.34
N3 FAD B . 5.27 3.50 -1.81
C4 FAD B . 4.37 4.42 -1.35
O4 FAD B . 4.72 5.59 -1.26
C4X FAD B . 3.09 4.04 -1.01
N5 FAD B . 2.19 4.99 -0.53
C5X FAD B . 0.90 4.64 -0.21
C6 FAD B . 0.01 5.62 0.22
C7 FAD B . -1.29 5.27 0.52
C7M FAD B . -2.23 6.34 1.03
C8 FAD B . -1.70 3.95 0.43
C8M FAD B . -3.09 3.54 0.79
C9 FAD B . -0.81 2.99 -0.01
C9A FAD B . 0.49 3.34 -0.33
N10 FAD B . 1.41 2.39 -0.80
C10 FAD B . 2.69 2.75 -1.12
C1' FAD B . 1.04 0.96 -0.85
C2' FAD B . 0.64 0.42 -2.12
O2' FAD B . -0.37 1.23 -2.60
C3' FAD B . 0.18 -1.01 -1.81
O3' FAD B . 1.22 -1.82 -1.33
C4' FAD B . -0.38 -1.57 -3.07
O4' FAD B . -1.54 -0.79 -3.29
C5' FAD B . -0.71 -3.05 -2.97
O5' FAD B . -1.06 -3.45 -4.27
P FAD B . -2.01 -4.67 -4.59
O1P FAD B . -2.16 -4.79 -6.11
O2P FAD B . -1.51 -5.95 -4.01
O3P FAD B . -3.41 -4.44 -3.83
#